data_4GSS
#
_entry.id   4GSS
#
_cell.length_a   78.486
_cell.length_b   90.339
_cell.length_c   68.970
_cell.angle_alpha   90.00
_cell.angle_beta   97.47
_cell.angle_gamma   90.00
#
_symmetry.space_group_name_H-M   'C 1 2 1'
#
loop_
_entity.id
_entity.type
_entity.pdbx_description
1 polymer 'GLUTATHIONE S-TRANSFERASE'
2 non-polymer S-HEXYLGLUTATHIONE
3 non-polymer '2-(N-MORPHOLINO)-ETHANESULFONIC ACID'
4 water water
#
_entity_poly.entity_id   1
_entity_poly.type   'polypeptide(L)'
_entity_poly.pdbx_seq_one_letter_code
;PPYTVVYFPVRGRCAALRMLLADQGQSWKEEVVTVETWQEGSLKASCLYGQLPKFQDGDLTLYQSNTILRHLGRTLGLYG
KDQQEAALVDMVNDGVEDLRCKYISLIFTNYEAGKDDYVKALPGQLKPFETLLSQNQGGKTFIVGDQISFADYNLLDLLL
IHEVLAPGCLDAFPLLSAYVGRLSARPKLKAFLASPEYVNLPINGNGKQ
;
_entity_poly.pdbx_strand_id   A,B
#
loop_
_chem_comp.id
_chem_comp.type
_chem_comp.name
_chem_comp.formula
GTX non-polymer S-HEXYLGLUTATHIONE 'C16 H30 N3 O6 S 1'
MES non-polymer '2-(N-MORPHOLINO)-ETHANESULFONIC ACID' 'C6 H13 N O4 S'
#
# COMPACT_ATOMS: atom_id res chain seq x y z
N PRO A 2 2.85 15.72 20.58
CA PRO A 2 3.69 14.53 20.39
C PRO A 2 2.92 13.56 19.51
N TYR A 3 3.01 12.27 19.80
CA TYR A 3 2.34 11.22 19.03
C TYR A 3 1.19 10.58 19.80
N THR A 4 0.12 10.24 19.09
CA THR A 4 -1.04 9.60 19.69
C THR A 4 -1.58 8.57 18.69
N VAL A 5 -1.76 7.32 19.11
CA VAL A 5 -2.34 6.30 18.23
C VAL A 5 -3.70 5.91 18.79
N VAL A 6 -4.73 5.94 17.95
CA VAL A 6 -6.09 5.60 18.32
C VAL A 6 -6.40 4.27 17.62
N TYR A 7 -6.62 3.22 18.40
CA TYR A 7 -6.86 1.91 17.83
C TYR A 7 -7.57 0.99 18.82
N PHE A 8 -8.02 -0.16 18.34
CA PHE A 8 -8.69 -1.15 19.18
C PHE A 8 -7.65 -1.79 20.09
N PRO A 9 -8.10 -2.51 21.14
CA PRO A 9 -7.12 -3.15 22.03
C PRO A 9 -6.50 -4.44 21.45
N VAL A 10 -5.85 -4.32 20.29
CA VAL A 10 -5.18 -5.44 19.60
C VAL A 10 -3.86 -4.92 19.00
N ARG A 11 -2.98 -5.84 18.64
CA ARG A 11 -1.70 -5.49 18.03
C ARG A 11 -2.02 -5.10 16.59
N GLY A 12 -2.60 -6.05 15.86
CA GLY A 12 -2.98 -5.82 14.48
C GLY A 12 -2.06 -4.93 13.65
N ARG A 13 -2.65 -3.94 13.00
CA ARG A 13 -1.92 -3.01 12.14
C ARG A 13 -1.11 -1.91 12.85
N CYS A 14 -1.06 -1.97 14.17
CA CYS A 14 -0.31 -0.97 14.94
C CYS A 14 0.95 -1.55 15.58
N ALA A 15 1.06 -2.87 15.56
CA ALA A 15 2.21 -3.54 16.15
C ALA A 15 3.56 -3.01 15.63
N ALA A 16 3.67 -2.91 14.31
CA ALA A 16 4.88 -2.43 13.66
C ALA A 16 5.28 -1.00 13.98
N LEU A 17 4.32 -0.08 13.92
CA LEU A 17 4.59 1.33 14.20
C LEU A 17 4.91 1.56 15.68
N ARG A 18 4.32 0.73 16.55
CA ARG A 18 4.58 0.81 17.98
C ARG A 18 6.03 0.38 18.22
N MET A 19 6.45 -0.70 17.56
CA MET A 19 7.82 -1.20 17.70
C MET A 19 8.77 -0.12 17.23
N LEU A 20 8.40 0.55 16.14
CA LEU A 20 9.21 1.62 15.58
C LEU A 20 9.37 2.74 16.60
N LEU A 21 8.25 3.21 17.16
CA LEU A 21 8.28 4.28 18.15
C LEU A 21 9.13 3.94 19.36
N ALA A 22 8.96 2.71 19.86
CA ALA A 22 9.69 2.23 21.03
C ALA A 22 11.21 2.17 20.80
N ASP A 23 11.61 1.52 19.72
CA ASP A 23 13.01 1.36 19.38
C ASP A 23 13.71 2.70 19.15
N GLN A 24 12.98 3.68 18.65
CA GLN A 24 13.54 5.00 18.40
C GLN A 24 13.49 5.88 19.64
N GLY A 25 13.04 5.33 20.75
CA GLY A 25 12.95 6.09 21.99
C GLY A 25 11.97 7.23 21.95
N GLN A 26 10.84 7.01 21.29
CA GLN A 26 9.82 8.04 21.16
C GLN A 26 8.68 7.81 22.15
N SER A 27 8.09 8.90 22.62
CA SER A 27 6.97 8.85 23.56
C SER A 27 5.67 9.01 22.77
N TRP A 28 4.67 8.21 23.11
CA TRP A 28 3.38 8.31 22.45
C TRP A 28 2.26 7.97 23.41
N LYS A 29 1.05 8.43 23.07
CA LYS A 29 -0.13 8.19 23.88
C LYS A 29 -1.02 7.17 23.17
N GLU A 30 -1.66 6.31 23.95
CA GLU A 30 -2.55 5.29 23.40
C GLU A 30 -4.02 5.60 23.72
N GLU A 31 -4.85 5.71 22.70
CA GLU A 31 -6.28 5.95 22.90
C GLU A 31 -6.95 4.66 22.49
N VAL A 32 -7.37 3.88 23.48
CA VAL A 32 -8.01 2.60 23.23
C VAL A 32 -9.47 2.75 22.86
N VAL A 33 -9.87 2.16 21.73
CA VAL A 33 -11.24 2.22 21.27
C VAL A 33 -11.87 0.82 21.44
N THR A 34 -12.92 0.75 22.26
CA THR A 34 -13.60 -0.50 22.51
C THR A 34 -14.71 -0.71 21.48
N VAL A 35 -15.07 -1.98 21.25
CA VAL A 35 -16.11 -2.34 20.30
C VAL A 35 -17.40 -1.58 20.57
N GLU A 36 -17.72 -1.38 21.85
CA GLU A 36 -18.92 -0.66 22.26
C GLU A 36 -18.86 0.79 21.76
N THR A 37 -17.74 1.44 22.01
CA THR A 37 -17.53 2.82 21.59
C THR A 37 -17.63 2.90 20.06
N TRP A 38 -17.02 1.95 19.38
CA TRP A 38 -17.03 1.91 17.92
C TRP A 38 -18.44 1.74 17.38
N GLN A 39 -19.18 0.78 17.92
CA GLN A 39 -20.55 0.50 17.49
C GLN A 39 -21.53 1.63 17.81
N GLU A 40 -21.05 2.67 18.49
CA GLU A 40 -21.87 3.83 18.81
C GLU A 40 -22.01 4.66 17.52
N GLY A 41 -21.00 4.59 16.65
CA GLY A 41 -21.04 5.31 15.38
C GLY A 41 -20.34 6.65 15.20
N SER A 42 -20.33 7.50 16.21
CA SER A 42 -19.72 8.82 16.09
C SER A 42 -18.25 8.83 15.65
N LEU A 43 -17.42 7.99 16.26
CA LEU A 43 -15.99 7.95 15.90
C LEU A 43 -15.83 7.44 14.47
N LYS A 44 -16.53 6.35 14.14
CA LYS A 44 -16.45 5.78 12.80
C LYS A 44 -16.71 6.82 11.72
N ALA A 45 -17.76 7.61 11.92
CA ALA A 45 -18.15 8.64 10.99
C ALA A 45 -17.05 9.70 10.81
N SER A 46 -16.42 10.10 11.91
CA SER A 46 -15.38 11.13 11.86
C SER A 46 -14.09 10.64 11.20
N CYS A 47 -13.92 9.32 11.10
CA CYS A 47 -12.73 8.74 10.50
C CYS A 47 -12.88 8.77 8.96
N LEU A 48 -11.89 9.35 8.28
CA LEU A 48 -11.88 9.48 6.83
C LEU A 48 -12.40 8.28 6.05
N TYR A 49 -11.82 7.10 6.28
CA TYR A 49 -12.25 5.89 5.58
C TYR A 49 -13.05 5.02 6.53
N GLY A 50 -13.64 5.66 7.52
CA GLY A 50 -14.44 4.98 8.52
C GLY A 50 -13.71 3.88 9.27
N GLN A 51 -12.39 4.02 9.42
CA GLN A 51 -11.62 2.99 10.10
C GLN A 51 -10.43 3.52 10.90
N LEU A 52 -9.87 2.64 11.71
CA LEU A 52 -8.71 2.89 12.56
C LEU A 52 -7.64 1.96 12.02
N PRO A 53 -6.36 2.17 12.38
CA PRO A 53 -5.81 3.20 13.27
C PRO A 53 -5.88 4.65 12.79
N LYS A 54 -5.94 5.54 13.77
CA LYS A 54 -5.95 6.97 13.53
C LYS A 54 -4.69 7.40 14.26
N PHE A 55 -3.97 8.38 13.72
CA PHE A 55 -2.73 8.81 14.33
C PHE A 55 -2.67 10.32 14.36
N GLN A 56 -2.06 10.86 15.41
CA GLN A 56 -1.93 12.30 15.53
C GLN A 56 -0.49 12.68 15.86
N ASP A 57 0.03 13.60 15.07
CA ASP A 57 1.37 14.13 15.26
C ASP A 57 1.14 15.63 15.30
N GLY A 58 1.03 16.18 16.50
CA GLY A 58 0.75 17.60 16.63
C GLY A 58 -0.67 17.77 16.14
N ASP A 59 -0.91 18.74 15.26
CA ASP A 59 -2.26 18.91 14.74
C ASP A 59 -2.43 18.19 13.40
N LEU A 60 -1.48 17.31 13.07
CA LEU A 60 -1.53 16.55 11.84
C LEU A 60 -2.23 15.24 12.18
N THR A 61 -3.39 15.01 11.59
CA THR A 61 -4.18 13.80 11.80
C THR A 61 -4.09 12.89 10.59
N LEU A 62 -3.55 11.69 10.80
CA LEU A 62 -3.37 10.70 9.74
C LEU A 62 -4.23 9.45 9.91
N TYR A 63 -4.40 8.76 8.79
CA TYR A 63 -5.16 7.50 8.71
C TYR A 63 -4.32 6.61 7.80
N GLN A 64 -4.58 5.30 7.85
CA GLN A 64 -3.86 4.31 7.04
C GLN A 64 -2.52 3.95 7.70
N SER A 65 -2.40 2.70 8.18
CA SER A 65 -1.21 2.21 8.86
C SER A 65 0.12 2.48 8.16
N ASN A 66 0.18 2.19 6.87
CA ASN A 66 1.41 2.41 6.09
C ASN A 66 1.72 3.89 5.94
N THR A 67 0.69 4.73 5.98
CA THR A 67 0.89 6.18 5.89
C THR A 67 1.58 6.64 7.19
N ILE A 68 1.17 6.05 8.32
CA ILE A 68 1.78 6.38 9.60
C ILE A 68 3.25 5.90 9.58
N LEU A 69 3.48 4.68 9.07
CA LEU A 69 4.83 4.12 9.00
C LEU A 69 5.74 4.98 8.10
N ARG A 70 5.25 5.36 6.94
CA ARG A 70 6.06 6.18 6.04
C ARG A 70 6.32 7.55 6.65
N HIS A 71 5.32 8.07 7.37
CA HIS A 71 5.46 9.39 8.01
C HIS A 71 6.58 9.34 9.05
N LEU A 72 6.49 8.39 9.98
CA LEU A 72 7.53 8.23 11.01
C LEU A 72 8.87 7.98 10.30
N GLY A 73 8.85 7.12 9.30
CA GLY A 73 10.06 6.81 8.54
C GLY A 73 10.67 8.06 7.91
N ARG A 74 9.82 8.93 7.39
CA ARG A 74 10.26 10.15 6.74
C ARG A 74 10.79 11.15 7.78
N THR A 75 10.03 11.37 8.84
CA THR A 75 10.40 12.33 9.88
C THR A 75 11.56 11.90 10.77
N LEU A 76 11.66 10.62 11.03
CA LEU A 76 12.71 10.06 11.88
C LEU A 76 13.96 9.54 11.15
N GLY A 77 13.99 9.67 9.81
CA GLY A 77 15.14 9.21 9.05
C GLY A 77 15.30 7.70 8.93
N LEU A 78 14.20 7.00 8.68
CA LEU A 78 14.21 5.55 8.53
C LEU A 78 13.61 5.21 7.15
N TYR A 79 14.09 5.92 6.13
CA TYR A 79 13.62 5.76 4.76
C TYR A 79 14.76 5.70 3.74
N GLY A 80 15.83 4.98 4.06
CA GLY A 80 16.95 4.88 3.14
C GLY A 80 17.88 6.08 3.19
N LYS A 81 19.09 5.93 2.64
CA LYS A 81 20.07 7.00 2.65
C LYS A 81 19.94 7.90 1.41
N ASP A 82 19.27 7.38 0.37
CA ASP A 82 19.06 8.12 -0.87
C ASP A 82 17.77 7.67 -1.53
N GLN A 83 17.43 8.26 -2.67
CA GLN A 83 16.19 7.93 -3.39
C GLN A 83 16.08 6.48 -3.82
N GLN A 84 17.20 5.92 -4.26
CA GLN A 84 17.23 4.53 -4.70
C GLN A 84 16.83 3.61 -3.56
N GLU A 85 17.43 3.81 -2.38
CA GLU A 85 17.10 2.98 -1.22
C GLU A 85 15.66 3.21 -0.80
N ALA A 86 15.22 4.47 -0.82
CA ALA A 86 13.85 4.82 -0.45
C ALA A 86 12.86 4.01 -1.29
N ALA A 87 13.20 3.79 -2.56
CA ALA A 87 12.36 3.00 -3.47
C ALA A 87 12.37 1.51 -3.11
N LEU A 88 13.55 0.99 -2.72
CA LEU A 88 13.68 -0.41 -2.34
C LEU A 88 12.95 -0.66 -1.02
N VAL A 89 12.93 0.37 -0.15
CA VAL A 89 12.25 0.31 1.15
C VAL A 89 10.73 0.17 0.88
N ASP A 90 10.25 0.90 -0.11
CA ASP A 90 8.85 0.86 -0.50
C ASP A 90 8.51 -0.53 -1.07
N MET A 91 9.38 -1.03 -1.94
CA MET A 91 9.19 -2.34 -2.55
C MET A 91 9.03 -3.43 -1.50
N VAL A 92 9.81 -3.34 -0.42
CA VAL A 92 9.73 -4.31 0.67
C VAL A 92 8.42 -4.15 1.44
N ASN A 93 8.11 -2.91 1.84
CA ASN A 93 6.89 -2.64 2.59
C ASN A 93 5.63 -3.07 1.84
N ASP A 94 5.59 -2.79 0.54
CA ASP A 94 4.46 -3.18 -0.32
C ASP A 94 4.30 -4.69 -0.31
N GLY A 95 5.43 -5.40 -0.36
CA GLY A 95 5.42 -6.86 -0.34
C GLY A 95 4.91 -7.33 1.01
N VAL A 96 5.35 -6.70 2.08
CA VAL A 96 4.90 -7.05 3.43
C VAL A 96 3.38 -6.85 3.50
N GLU A 97 2.91 -5.71 2.98
CA GLU A 97 1.48 -5.38 2.94
C GLU A 97 0.64 -6.43 2.22
N ASP A 98 1.12 -6.91 1.08
CA ASP A 98 0.40 -7.92 0.31
C ASP A 98 0.19 -9.19 1.14
N LEU A 99 1.27 -9.69 1.75
CA LEU A 99 1.18 -10.89 2.56
C LEU A 99 0.35 -10.67 3.83
N ARG A 100 0.37 -9.45 4.37
CA ARG A 100 -0.42 -9.15 5.56
C ARG A 100 -1.90 -9.26 5.23
N CYS A 101 -2.27 -8.84 4.02
CA CYS A 101 -3.65 -8.90 3.56
C CYS A 101 -4.16 -10.34 3.50
N LYS A 102 -3.33 -11.26 2.99
CA LYS A 102 -3.72 -12.67 2.90
C LYS A 102 -3.85 -13.24 4.30
N TYR A 103 -2.92 -12.84 5.18
CA TYR A 103 -2.94 -13.29 6.56
C TYR A 103 -4.25 -12.83 7.20
N ILE A 104 -4.56 -11.55 7.05
CA ILE A 104 -5.77 -10.96 7.63
C ILE A 104 -7.03 -11.64 7.06
N SER A 105 -6.99 -11.98 5.78
CA SER A 105 -8.12 -12.64 5.13
C SER A 105 -8.31 -14.06 5.67
N LEU A 106 -7.20 -14.75 5.95
CA LEU A 106 -7.28 -16.10 6.49
C LEU A 106 -7.87 -16.03 7.90
N ILE A 107 -7.24 -15.20 8.74
CA ILE A 107 -7.67 -15.02 10.12
C ILE A 107 -9.16 -14.68 10.26
N PHE A 108 -9.64 -13.72 9.45
CA PHE A 108 -11.04 -13.31 9.53
C PHE A 108 -12.05 -13.94 8.57
N THR A 109 -11.61 -14.38 7.40
CA THR A 109 -12.51 -14.96 6.39
C THR A 109 -12.69 -16.49 6.40
N ASN A 110 -11.60 -17.24 6.56
CA ASN A 110 -11.71 -18.70 6.60
C ASN A 110 -10.49 -19.39 7.18
N TYR A 111 -10.35 -19.27 8.49
CA TYR A 111 -9.24 -19.85 9.22
C TYR A 111 -9.30 -21.37 9.20
N GLU A 112 -10.42 -21.94 9.65
CA GLU A 112 -10.59 -23.39 9.70
C GLU A 112 -10.31 -24.15 8.40
N ALA A 113 -10.95 -23.75 7.31
CA ALA A 113 -10.76 -24.43 6.03
C ALA A 113 -9.50 -23.99 5.26
N GLY A 114 -9.14 -22.71 5.33
CA GLY A 114 -7.98 -22.23 4.61
C GLY A 114 -6.61 -22.29 5.27
N LYS A 115 -6.54 -22.67 6.54
CA LYS A 115 -5.27 -22.72 7.26
C LYS A 115 -4.25 -23.65 6.63
N ASP A 116 -4.67 -24.86 6.25
CA ASP A 116 -3.73 -25.82 5.65
C ASP A 116 -3.13 -25.33 4.32
N ASP A 117 -3.97 -24.86 3.40
CA ASP A 117 -3.48 -24.35 2.11
C ASP A 117 -2.55 -23.16 2.30
N TYR A 118 -2.92 -22.28 3.23
CA TYR A 118 -2.14 -21.08 3.52
C TYR A 118 -0.71 -21.47 3.92
N VAL A 119 -0.59 -22.34 4.93
CA VAL A 119 0.71 -22.80 5.44
C VAL A 119 1.56 -23.46 4.34
N LYS A 120 0.94 -24.27 3.49
CA LYS A 120 1.66 -24.91 2.40
C LYS A 120 2.28 -23.85 1.49
N ALA A 121 1.52 -22.77 1.25
CA ALA A 121 1.97 -21.69 0.37
C ALA A 121 2.95 -20.72 1.02
N LEU A 122 3.04 -20.76 2.34
CA LEU A 122 3.93 -19.87 3.08
C LEU A 122 5.38 -19.78 2.61
N PRO A 123 6.07 -20.93 2.44
CA PRO A 123 7.47 -20.86 1.99
C PRO A 123 7.69 -19.97 0.76
N GLY A 124 6.81 -20.10 -0.24
CA GLY A 124 6.92 -19.30 -1.44
C GLY A 124 6.74 -17.81 -1.18
N GLN A 125 5.87 -17.50 -0.22
CA GLN A 125 5.59 -16.13 0.16
C GLN A 125 6.71 -15.48 0.95
N LEU A 126 7.39 -16.27 1.79
CA LEU A 126 8.50 -15.77 2.62
C LEU A 126 9.83 -15.66 1.85
N LYS A 127 10.02 -16.61 0.95
CA LYS A 127 11.22 -16.70 0.12
C LYS A 127 11.76 -15.36 -0.43
N PRO A 128 10.90 -14.52 -1.02
CA PRO A 128 11.38 -13.25 -1.57
C PRO A 128 12.16 -12.38 -0.59
N PHE A 129 11.75 -12.40 0.68
CA PHE A 129 12.43 -11.61 1.71
C PHE A 129 13.77 -12.21 2.07
N GLU A 130 13.87 -13.53 1.96
CA GLU A 130 15.12 -14.24 2.22
C GLU A 130 16.10 -13.80 1.11
N THR A 131 15.60 -13.82 -0.12
CA THR A 131 16.37 -13.42 -1.28
C THR A 131 16.86 -11.99 -1.19
N LEU A 132 15.96 -11.06 -0.85
CA LEU A 132 16.33 -9.65 -0.71
C LEU A 132 17.50 -9.54 0.28
N LEU A 133 17.32 -10.18 1.43
CA LEU A 133 18.33 -10.18 2.49
C LEU A 133 19.68 -10.74 2.04
N SER A 134 19.67 -11.81 1.25
CA SER A 134 20.90 -12.41 0.76
C SER A 134 21.69 -11.49 -0.18
N GLN A 135 20.98 -10.55 -0.80
CA GLN A 135 21.62 -9.60 -1.71
C GLN A 135 22.11 -8.32 -1.02
N ASN A 136 21.85 -8.17 0.28
CA ASN A 136 22.27 -7.00 1.03
C ASN A 136 23.26 -7.37 2.15
N GLN A 137 24.55 -7.20 1.87
CA GLN A 137 25.61 -7.52 2.84
C GLN A 137 25.40 -8.90 3.48
N GLY A 138 25.03 -9.87 2.66
CA GLY A 138 24.80 -11.22 3.15
C GLY A 138 23.72 -11.33 4.20
N GLY A 139 22.83 -10.34 4.24
CA GLY A 139 21.75 -10.34 5.22
C GLY A 139 22.23 -10.21 6.65
N LYS A 140 23.36 -9.55 6.83
CA LYS A 140 23.93 -9.36 8.16
C LYS A 140 23.48 -8.06 8.83
N THR A 141 22.91 -7.15 8.05
CA THR A 141 22.45 -5.87 8.58
C THR A 141 20.93 -5.72 8.58
N PHE A 142 20.39 -4.95 7.62
CA PHE A 142 18.94 -4.73 7.55
C PHE A 142 18.35 -5.17 6.20
N ILE A 143 17.05 -4.97 5.99
CA ILE A 143 16.42 -5.41 4.75
C ILE A 143 16.85 -4.59 3.53
N VAL A 144 17.16 -3.31 3.74
CA VAL A 144 17.61 -2.43 2.67
C VAL A 144 18.69 -1.52 3.24
N GLY A 145 19.86 -1.51 2.60
CA GLY A 145 20.94 -0.66 3.06
C GLY A 145 21.53 -1.14 4.37
N ASP A 146 22.26 -0.26 5.07
CA ASP A 146 22.88 -0.63 6.34
C ASP A 146 22.28 0.05 7.57
N GLN A 147 21.27 0.89 7.36
CA GLN A 147 20.60 1.58 8.47
C GLN A 147 19.19 0.99 8.50
N ILE A 148 18.56 0.99 9.68
CA ILE A 148 17.21 0.44 9.81
C ILE A 148 16.17 1.38 9.15
N SER A 149 15.01 0.83 8.77
CA SER A 149 13.98 1.62 8.11
C SER A 149 12.62 1.11 8.56
N PHE A 150 11.57 1.88 8.30
CA PHE A 150 10.21 1.49 8.70
C PHE A 150 9.80 0.13 8.16
N ALA A 151 10.36 -0.25 7.02
CA ALA A 151 10.08 -1.54 6.39
C ALA A 151 10.58 -2.71 7.26
N ASP A 152 11.65 -2.48 8.02
CA ASP A 152 12.20 -3.51 8.91
C ASP A 152 11.18 -3.85 10.00
N TYR A 153 10.68 -2.83 10.68
CA TYR A 153 9.72 -3.02 11.75
C TYR A 153 8.48 -3.74 11.24
N ASN A 154 7.98 -3.32 10.07
CA ASN A 154 6.79 -3.95 9.48
C ASN A 154 7.08 -5.41 9.11
N LEU A 155 8.23 -5.67 8.48
CA LEU A 155 8.59 -7.04 8.11
C LEU A 155 8.77 -7.89 9.37
N LEU A 156 9.48 -7.35 10.36
CA LEU A 156 9.70 -8.06 11.61
C LEU A 156 8.38 -8.53 12.22
N ASP A 157 7.36 -7.67 12.21
CA ASP A 157 6.07 -8.04 12.76
C ASP A 157 5.46 -9.20 11.97
N LEU A 158 5.47 -9.07 10.65
CA LEU A 158 4.93 -10.09 9.76
C LEU A 158 5.54 -11.45 10.07
N LEU A 159 6.87 -11.49 10.21
CA LEU A 159 7.57 -12.72 10.52
C LEU A 159 7.13 -13.25 11.89
N LEU A 160 7.11 -12.37 12.90
CA LEU A 160 6.72 -12.78 14.25
C LEU A 160 5.33 -13.39 14.30
N ILE A 161 4.36 -12.73 13.68
CA ILE A 161 2.99 -13.25 13.70
C ILE A 161 2.88 -14.57 12.95
N HIS A 162 3.72 -14.78 11.94
CA HIS A 162 3.68 -16.03 11.18
C HIS A 162 4.32 -17.17 11.97
N GLU A 163 5.22 -16.83 12.90
CA GLU A 163 5.85 -17.84 13.74
C GLU A 163 4.78 -18.47 14.64
N VAL A 164 3.83 -17.65 15.06
CA VAL A 164 2.73 -18.11 15.92
C VAL A 164 1.72 -18.93 15.08
N LEU A 165 1.45 -18.47 13.86
CA LEU A 165 0.52 -19.16 12.97
C LEU A 165 1.05 -20.52 12.51
N ALA A 166 2.28 -20.53 12.04
CA ALA A 166 2.89 -21.75 11.57
C ALA A 166 4.29 -21.84 12.17
N PRO A 167 4.38 -22.28 13.43
CA PRO A 167 5.66 -22.41 14.15
C PRO A 167 6.69 -23.17 13.32
N GLY A 168 7.88 -22.59 13.20
CA GLY A 168 8.93 -23.24 12.44
C GLY A 168 9.03 -22.87 10.97
N CYS A 169 8.15 -21.99 10.51
CA CYS A 169 8.16 -21.56 9.11
C CYS A 169 9.44 -20.84 8.71
N LEU A 170 10.21 -20.38 9.70
CA LEU A 170 11.47 -19.68 9.43
C LEU A 170 12.70 -20.57 9.50
N ASP A 171 12.51 -21.82 9.92
CA ASP A 171 13.62 -22.76 10.02
C ASP A 171 14.29 -23.01 8.67
N ALA A 172 13.49 -22.93 7.60
CA ALA A 172 13.98 -23.13 6.24
C ALA A 172 14.63 -21.87 5.67
N PHE A 173 14.63 -20.80 6.44
CA PHE A 173 15.19 -19.53 6.01
C PHE A 173 16.17 -18.97 7.04
N PRO A 174 17.44 -19.40 6.96
CA PRO A 174 18.52 -18.98 7.86
C PRO A 174 18.71 -17.46 8.01
N LEU A 175 18.61 -16.73 6.90
CA LEU A 175 18.79 -15.28 6.95
C LEU A 175 17.63 -14.59 7.68
N LEU A 176 16.40 -14.98 7.38
CA LEU A 176 15.24 -14.38 8.03
C LEU A 176 15.25 -14.66 9.54
N SER A 177 15.59 -15.89 9.91
CA SER A 177 15.67 -16.31 11.32
C SER A 177 16.72 -15.49 12.07
N ALA A 178 17.91 -15.37 11.49
CA ALA A 178 18.97 -14.57 12.10
C ALA A 178 18.52 -13.11 12.22
N TYR A 179 17.78 -12.65 11.21
CA TYR A 179 17.24 -11.28 11.13
C TYR A 179 16.28 -11.01 12.29
N VAL A 180 15.30 -11.89 12.48
CA VAL A 180 14.34 -11.75 13.57
C VAL A 180 15.05 -11.70 14.93
N GLY A 181 15.92 -12.68 15.18
CA GLY A 181 16.66 -12.73 16.43
C GLY A 181 17.49 -11.49 16.67
N ARG A 182 18.21 -11.06 15.63
CA ARG A 182 19.08 -9.89 15.72
C ARG A 182 18.30 -8.62 16.11
N LEU A 183 17.21 -8.33 15.39
CA LEU A 183 16.41 -7.14 15.67
C LEU A 183 15.63 -7.21 16.98
N SER A 184 15.16 -8.40 17.33
CA SER A 184 14.42 -8.59 18.57
C SER A 184 15.35 -8.33 19.76
N ALA A 185 16.66 -8.45 19.53
CA ALA A 185 17.65 -8.24 20.59
C ALA A 185 18.03 -6.77 20.82
N ARG A 186 17.60 -5.88 19.94
CA ARG A 186 17.90 -4.45 20.10
C ARG A 186 17.26 -4.07 21.44
N PRO A 187 18.07 -3.53 22.38
CA PRO A 187 17.65 -3.11 23.73
C PRO A 187 16.23 -2.55 23.92
N LYS A 188 15.96 -1.39 23.34
CA LYS A 188 14.64 -0.77 23.45
C LYS A 188 13.52 -1.66 22.93
N LEU A 189 13.79 -2.36 21.82
CA LEU A 189 12.82 -3.26 21.19
C LEU A 189 12.57 -4.51 22.05
N LYS A 190 13.65 -5.10 22.57
CA LYS A 190 13.55 -6.29 23.41
C LYS A 190 12.69 -6.01 24.63
N ALA A 191 12.98 -4.89 25.31
CA ALA A 191 12.22 -4.47 26.47
C ALA A 191 10.75 -4.25 26.11
N PHE A 192 10.49 -3.67 24.94
CA PHE A 192 9.11 -3.43 24.49
C PHE A 192 8.35 -4.72 24.22
N LEU A 193 8.97 -5.63 23.47
CA LEU A 193 8.33 -6.91 23.12
C LEU A 193 8.03 -7.77 24.35
N ALA A 194 8.79 -7.57 25.42
CA ALA A 194 8.60 -8.32 26.66
C ALA A 194 7.66 -7.65 27.67
N SER A 195 7.29 -6.39 27.42
CA SER A 195 6.41 -5.64 28.31
C SER A 195 4.95 -6.04 28.17
N PRO A 196 4.16 -5.83 29.25
CA PRO A 196 2.72 -6.16 29.31
C PRO A 196 1.94 -5.44 28.22
N GLU A 197 2.44 -4.27 27.84
CA GLU A 197 1.86 -3.39 26.81
C GLU A 197 1.75 -4.08 25.44
N TYR A 198 2.68 -5.01 25.19
CA TYR A 198 2.71 -5.77 23.95
C TYR A 198 2.17 -7.17 24.20
N VAL A 199 2.76 -7.87 25.15
CA VAL A 199 2.39 -9.25 25.49
C VAL A 199 0.93 -9.54 25.83
N ASN A 200 0.27 -8.65 26.56
CA ASN A 200 -1.12 -8.90 26.96
C ASN A 200 -2.17 -8.41 25.99
N LEU A 201 -1.75 -8.03 24.79
CA LEU A 201 -2.66 -7.57 23.75
C LEU A 201 -2.81 -8.74 22.75
N PRO A 202 -4.03 -9.01 22.28
CA PRO A 202 -4.22 -10.12 21.33
C PRO A 202 -3.74 -9.68 19.94
N ILE A 203 -3.15 -10.60 19.18
CA ILE A 203 -2.64 -10.28 17.84
C ILE A 203 -3.72 -9.69 16.94
N ASN A 204 -4.78 -10.47 16.71
CA ASN A 204 -5.92 -10.06 15.90
C ASN A 204 -7.04 -9.93 16.90
N GLY A 205 -8.21 -9.43 16.50
CA GLY A 205 -9.26 -9.35 17.50
C GLY A 205 -10.20 -10.55 17.69
N ASN A 206 -10.26 -11.44 16.70
CA ASN A 206 -11.21 -12.55 16.76
C ASN A 206 -10.79 -13.77 17.57
N GLY A 207 -9.74 -13.64 18.37
CA GLY A 207 -9.30 -14.76 19.18
C GLY A 207 -8.57 -15.83 18.38
N LYS A 208 -8.28 -15.55 17.12
CA LYS A 208 -7.55 -16.49 16.27
C LYS A 208 -6.17 -15.93 15.98
N GLN A 209 -5.19 -16.82 15.85
CA GLN A 209 -3.81 -16.46 15.59
C GLN A 209 -3.09 -17.69 15.06
N PRO B 2 16.66 5.12 -19.37
CA PRO B 2 15.40 5.86 -19.20
C PRO B 2 14.42 4.97 -18.43
N TYR B 3 13.15 5.00 -18.82
CA TYR B 3 12.11 4.22 -18.15
C TYR B 3 11.59 3.08 -19.04
N THR B 4 11.27 1.96 -18.42
CA THR B 4 10.73 0.81 -19.12
C THR B 4 9.71 0.12 -18.22
N VAL B 5 8.49 -0.10 -18.72
CA VAL B 5 7.47 -0.79 -17.94
C VAL B 5 7.20 -2.13 -18.62
N VAL B 6 7.25 -3.21 -17.84
CA VAL B 6 7.02 -4.57 -18.33
C VAL B 6 5.67 -5.00 -17.73
N TYR B 7 4.69 -5.24 -18.58
CA TYR B 7 3.36 -5.59 -18.11
C TYR B 7 2.56 -6.29 -19.20
N PHE B 8 1.41 -6.83 -18.83
CA PHE B 8 0.51 -7.51 -19.76
C PHE B 8 -0.16 -6.45 -20.65
N PRO B 9 -0.78 -6.87 -21.76
CA PRO B 9 -1.43 -5.88 -22.62
C PRO B 9 -2.79 -5.38 -22.08
N VAL B 10 -2.77 -4.81 -20.87
CA VAL B 10 -3.96 -4.24 -20.22
C VAL B 10 -3.57 -2.94 -19.51
N ARG B 11 -4.57 -2.14 -19.16
CA ARG B 11 -4.33 -0.89 -18.44
C ARG B 11 -4.01 -1.28 -17.00
N GLY B 12 -4.95 -1.96 -16.36
CA GLY B 12 -4.79 -2.42 -14.99
C GLY B 12 -4.00 -1.51 -14.07
N ARG B 13 -3.01 -2.09 -13.38
CA ARG B 13 -2.19 -1.36 -12.43
C ARG B 13 -1.10 -0.45 -13.02
N CYS B 14 -1.09 -0.30 -14.34
CA CYS B 14 -0.10 0.56 -14.99
C CYS B 14 -0.72 1.82 -15.58
N ALA B 15 -2.05 1.85 -15.63
CA ALA B 15 -2.76 3.00 -16.19
C ALA B 15 -2.34 4.33 -15.56
N ALA B 16 -2.32 4.36 -14.23
CA ALA B 16 -1.97 5.56 -13.47
C ALA B 16 -0.55 6.06 -13.68
N LEU B 17 0.44 5.15 -13.63
CA LEU B 17 1.84 5.53 -13.80
C LEU B 17 2.12 5.96 -15.24
N ARG B 18 1.39 5.38 -16.19
CA ARG B 18 1.53 5.75 -17.60
C ARG B 18 1.02 7.18 -17.77
N MET B 19 -0.12 7.48 -17.15
CA MET B 19 -0.70 8.82 -17.23
C MET B 19 0.29 9.80 -16.64
N LEU B 20 0.92 9.40 -15.54
CA LEU B 20 1.90 10.24 -14.86
C LEU B 20 3.07 10.55 -15.80
N LEU B 21 3.64 9.51 -16.39
CA LEU B 21 4.76 9.65 -17.31
C LEU B 21 4.43 10.56 -18.49
N ALA B 22 3.25 10.36 -19.07
CA ALA B 22 2.78 11.14 -20.22
C ALA B 22 2.62 12.62 -19.90
N ASP B 23 1.87 12.91 -18.84
CA ASP B 23 1.61 14.27 -18.41
C ASP B 23 2.89 15.04 -18.06
N GLN B 24 3.88 14.33 -17.54
CA GLN B 24 5.15 14.95 -17.17
C GLN B 24 6.11 15.04 -18.35
N GLY B 25 5.64 14.64 -19.53
CA GLY B 25 6.47 14.67 -20.73
C GLY B 25 7.68 13.76 -20.67
N GLN B 26 7.50 12.58 -20.10
CA GLN B 26 8.58 11.61 -19.98
C GLN B 26 8.48 10.54 -21.05
N SER B 27 9.63 10.04 -21.48
CA SER B 27 9.70 9.00 -22.50
C SER B 27 9.90 7.66 -21.79
N TRP B 28 9.18 6.63 -22.24
CA TRP B 28 9.33 5.31 -21.66
C TRP B 28 9.12 4.23 -22.70
N LYS B 29 9.64 3.04 -22.43
CA LYS B 29 9.54 1.90 -23.32
C LYS B 29 8.52 0.92 -22.73
N GLU B 30 7.75 0.28 -23.60
CA GLU B 30 6.76 -0.71 -23.16
C GLU B 30 7.18 -2.13 -23.57
N GLU B 31 7.31 -3.03 -22.59
CA GLU B 31 7.64 -4.41 -22.88
C GLU B 31 6.37 -5.20 -22.60
N VAL B 32 5.68 -5.59 -23.65
CA VAL B 32 4.43 -6.33 -23.51
C VAL B 32 4.65 -7.80 -23.23
N VAL B 33 4.03 -8.31 -22.18
CA VAL B 33 4.14 -9.71 -21.80
C VAL B 33 2.82 -10.40 -22.10
N THR B 34 2.86 -11.39 -22.98
CA THR B 34 1.66 -12.13 -23.36
C THR B 34 1.47 -13.32 -22.41
N VAL B 35 0.21 -13.77 -22.28
CA VAL B 35 -0.14 -14.89 -21.43
C VAL B 35 0.72 -16.12 -21.74
N GLU B 36 1.01 -16.33 -23.02
CA GLU B 36 1.83 -17.46 -23.46
C GLU B 36 3.24 -17.35 -22.86
N THR B 37 3.84 -16.17 -23.01
CA THR B 37 5.17 -15.91 -22.48
C THR B 37 5.18 -16.11 -20.97
N TRP B 38 4.14 -15.59 -20.31
CA TRP B 38 4.02 -15.71 -18.86
C TRP B 38 3.91 -17.17 -18.41
N GLN B 39 3.03 -17.92 -19.07
CA GLN B 39 2.82 -19.34 -18.75
C GLN B 39 4.03 -20.22 -19.04
N GLU B 40 5.07 -19.63 -19.64
CA GLU B 40 6.30 -20.35 -19.93
C GLU B 40 7.06 -20.53 -18.60
N GLY B 41 6.88 -19.58 -17.68
CA GLY B 41 7.52 -19.67 -16.37
C GLY B 41 8.80 -18.91 -16.06
N SER B 42 9.71 -18.78 -17.03
CA SER B 42 10.98 -18.10 -16.79
C SER B 42 10.87 -16.67 -16.25
N LEU B 43 10.02 -15.85 -16.87
CA LEU B 43 9.86 -14.47 -16.41
C LEU B 43 9.26 -14.41 -15.00
N LYS B 44 8.20 -15.20 -14.78
CA LYS B 44 7.54 -15.24 -13.48
C LYS B 44 8.53 -15.52 -12.36
N ALA B 45 9.39 -16.51 -12.58
CA ALA B 45 10.41 -16.88 -11.61
C ALA B 45 11.39 -15.74 -11.30
N SER B 46 11.81 -15.02 -12.33
CA SER B 46 12.74 -13.92 -12.15
C SER B 46 12.15 -12.71 -11.43
N CYS B 47 10.82 -12.63 -11.42
CA CYS B 47 10.12 -11.53 -10.76
C CYS B 47 10.07 -11.77 -9.26
N LEU B 48 10.56 -10.81 -8.48
CA LEU B 48 10.61 -10.89 -7.01
C LEU B 48 9.40 -11.53 -6.35
N TYR B 49 8.20 -11.01 -6.61
CA TYR B 49 6.98 -11.55 -6.02
C TYR B 49 6.21 -12.33 -7.07
N GLY B 50 6.95 -12.82 -8.07
CA GLY B 50 6.39 -13.60 -9.16
C GLY B 50 5.29 -12.88 -9.91
N GLN B 51 5.34 -11.54 -9.97
CA GLN B 51 4.31 -10.79 -10.65
C GLN B 51 4.81 -9.52 -11.35
N LEU B 52 3.92 -8.97 -12.18
CA LEU B 52 4.15 -7.74 -12.93
C LEU B 52 3.12 -6.76 -12.38
N PRO B 53 3.28 -5.45 -12.64
CA PRO B 53 4.32 -4.77 -13.42
C PRO B 53 5.74 -4.78 -12.86
N LYS B 54 6.69 -4.72 -13.78
CA LYS B 54 8.10 -4.66 -13.45
C LYS B 54 8.49 -3.34 -14.07
N PHE B 55 9.39 -2.61 -13.43
CA PHE B 55 9.77 -1.31 -13.93
C PHE B 55 11.27 -1.15 -13.86
N GLN B 56 11.82 -0.43 -14.84
CA GLN B 56 13.25 -0.21 -14.87
C GLN B 56 13.56 1.27 -15.07
N ASP B 57 14.41 1.79 -14.21
CA ASP B 57 14.85 3.18 -14.27
C ASP B 57 16.37 3.02 -14.23
N GLY B 58 16.99 3.03 -15.41
CA GLY B 58 18.43 2.86 -15.46
C GLY B 58 18.66 1.43 -15.05
N ASP B 59 19.59 1.19 -14.13
CA ASP B 59 19.81 -0.18 -13.69
C ASP B 59 19.04 -0.49 -12.40
N LEU B 60 18.08 0.38 -12.07
CA LEU B 60 17.26 0.19 -10.90
C LEU B 60 16.01 -0.55 -11.36
N THR B 61 15.83 -1.76 -10.87
CA THR B 61 14.69 -2.61 -11.21
C THR B 61 13.70 -2.66 -10.04
N LEU B 62 12.49 -2.18 -10.29
CA LEU B 62 11.43 -2.13 -9.30
C LEU B 62 10.25 -3.06 -9.59
N TYR B 63 9.50 -3.35 -8.53
CA TYR B 63 8.30 -4.17 -8.58
C TYR B 63 7.30 -3.45 -7.67
N GLN B 64 6.03 -3.78 -7.82
CA GLN B 64 4.94 -3.18 -7.03
C GLN B 64 4.52 -1.84 -7.62
N SER B 65 3.31 -1.77 -8.17
CA SER B 65 2.79 -0.55 -8.80
C SER B 65 2.94 0.74 -8.00
N ASN B 66 2.57 0.68 -6.72
CA ASN B 66 2.65 1.87 -5.86
C ASN B 66 4.10 2.26 -5.61
N THR B 67 5.01 1.29 -5.66
CA THR B 67 6.42 1.58 -5.46
C THR B 67 6.90 2.37 -6.69
N ILE B 68 6.41 2.01 -7.87
CA ILE B 68 6.78 2.73 -9.08
C ILE B 68 6.21 4.15 -9.00
N LEU B 69 4.95 4.28 -8.57
CA LEU B 69 4.29 5.59 -8.43
C LEU B 69 5.03 6.48 -7.44
N ARG B 70 5.39 5.93 -6.27
CA ARG B 70 6.10 6.73 -5.28
C ARG B 70 7.49 7.11 -5.79
N HIS B 71 8.11 6.21 -6.54
CA HIS B 71 9.43 6.47 -7.08
C HIS B 71 9.39 7.64 -8.04
N LEU B 72 8.50 7.57 -9.03
CA LEU B 72 8.35 8.66 -10.00
C LEU B 72 7.97 9.92 -9.23
N GLY B 73 7.04 9.79 -8.28
CA GLY B 73 6.61 10.92 -7.47
C GLY B 73 7.78 11.57 -6.74
N ARG B 74 8.66 10.73 -6.21
CA ARG B 74 9.82 11.20 -5.46
C ARG B 74 10.85 11.87 -6.38
N THR B 75 11.18 11.19 -7.48
CA THR B 75 12.16 11.68 -8.44
C THR B 75 11.72 12.88 -9.29
N LEU B 76 10.43 12.92 -9.61
CA LEU B 76 9.86 13.99 -10.43
C LEU B 76 9.23 15.15 -9.63
N GLY B 77 9.29 15.10 -8.31
CA GLY B 77 8.72 16.15 -7.49
C GLY B 77 7.19 16.21 -7.47
N LEU B 78 6.55 15.05 -7.34
CA LEU B 78 5.10 14.96 -7.27
C LEU B 78 4.72 14.26 -5.96
N TYR B 79 5.32 14.72 -4.87
CA TYR B 79 5.12 14.15 -3.54
C TYR B 79 4.92 15.20 -2.46
N GLY B 80 4.16 16.25 -2.75
CA GLY B 80 3.94 17.30 -1.76
C GLY B 80 5.07 18.30 -1.68
N LYS B 81 4.81 19.45 -1.07
CA LYS B 81 5.81 20.50 -0.93
C LYS B 81 6.64 20.35 0.35
N ASP B 82 6.11 19.58 1.28
CA ASP B 82 6.78 19.33 2.56
C ASP B 82 6.39 17.96 3.11
N GLN B 83 6.93 17.58 4.27
CA GLN B 83 6.64 16.28 4.88
C GLN B 83 5.18 16.04 5.21
N GLN B 84 4.51 17.09 5.69
CA GLN B 84 3.11 17.01 6.04
C GLN B 84 2.28 16.64 4.82
N GLU B 85 2.52 17.32 3.70
CA GLU B 85 1.78 17.04 2.47
C GLU B 85 2.13 15.65 1.97
N ALA B 86 3.41 15.29 2.06
CA ALA B 86 3.85 13.97 1.62
C ALA B 86 3.06 12.87 2.34
N ALA B 87 2.75 13.11 3.60
CA ALA B 87 1.97 12.17 4.40
C ALA B 87 0.51 12.12 3.95
N LEU B 88 -0.06 13.27 3.62
CA LEU B 88 -1.44 13.35 3.16
C LEU B 88 -1.56 12.70 1.77
N VAL B 89 -0.50 12.81 0.98
CA VAL B 89 -0.43 12.21 -0.37
C VAL B 89 -0.49 10.68 -0.20
N ASP B 90 0.22 10.17 0.81
CA ASP B 90 0.23 8.75 1.09
C ASP B 90 -1.14 8.28 1.55
N MET B 91 -1.75 9.06 2.44
CA MET B 91 -3.09 8.74 2.95
C MET B 91 -4.10 8.59 1.84
N VAL B 92 -4.00 9.45 0.81
CA VAL B 92 -4.91 9.38 -0.35
C VAL B 92 -4.60 8.14 -1.19
N ASN B 93 -3.34 7.95 -1.52
CA ASN B 93 -2.93 6.79 -2.33
C ASN B 93 -3.33 5.46 -1.69
N ASP B 94 -3.13 5.35 -0.37
CA ASP B 94 -3.49 4.14 0.37
C ASP B 94 -4.99 3.89 0.26
N GLY B 95 -5.76 4.97 0.35
CA GLY B 95 -7.20 4.88 0.24
C GLY B 95 -7.57 4.42 -1.16
N VAL B 96 -6.89 4.98 -2.17
CA VAL B 96 -7.15 4.60 -3.56
C VAL B 96 -6.85 3.10 -3.72
N GLU B 97 -5.73 2.67 -3.15
CA GLU B 97 -5.30 1.26 -3.20
C GLU B 97 -6.33 0.31 -2.60
N ASP B 98 -6.90 0.68 -1.45
CA ASP B 98 -7.91 -0.15 -0.81
C ASP B 98 -9.11 -0.39 -1.72
N LEU B 99 -9.64 0.69 -2.29
CA LEU B 99 -10.79 0.60 -3.18
C LEU B 99 -10.44 -0.12 -4.48
N ARG B 100 -9.20 0.01 -4.94
CA ARG B 100 -8.78 -0.68 -6.16
C ARG B 100 -8.81 -2.18 -5.93
N CYS B 101 -8.45 -2.60 -4.73
CA CYS B 101 -8.44 -4.02 -4.37
C CYS B 101 -9.84 -4.63 -4.42
N LYS B 102 -10.83 -3.90 -3.91
CA LYS B 102 -12.23 -4.36 -3.93
C LYS B 102 -12.71 -4.43 -5.38
N TYR B 103 -12.32 -3.43 -6.17
CA TYR B 103 -12.68 -3.38 -7.58
C TYR B 103 -12.10 -4.62 -8.28
N ILE B 104 -10.81 -4.86 -8.07
CA ILE B 104 -10.12 -5.99 -8.68
C ILE B 104 -10.74 -7.32 -8.23
N SER B 105 -11.17 -7.38 -6.98
CA SER B 105 -11.78 -8.60 -6.45
C SER B 105 -13.16 -8.83 -7.08
N LEU B 106 -13.90 -7.76 -7.32
CA LEU B 106 -15.21 -7.88 -7.96
C LEU B 106 -15.01 -8.36 -9.39
N ILE B 107 -14.19 -7.63 -10.14
CA ILE B 107 -13.90 -7.95 -11.54
C ILE B 107 -13.45 -9.41 -11.74
N PHE B 108 -12.52 -9.87 -10.91
CA PHE B 108 -12.00 -11.24 -11.05
C PHE B 108 -12.63 -12.36 -10.20
N THR B 109 -13.16 -12.03 -9.03
CA THR B 109 -13.74 -13.02 -8.12
C THR B 109 -15.25 -13.28 -8.25
N ASN B 110 -16.06 -12.24 -8.38
CA ASN B 110 -17.50 -12.44 -8.51
C ASN B 110 -18.24 -11.23 -9.06
N TYR B 111 -18.04 -10.99 -10.34
CA TYR B 111 -18.66 -9.88 -11.03
C TYR B 111 -20.18 -10.03 -11.11
N GLU B 112 -20.64 -11.15 -11.65
CA GLU B 112 -22.07 -11.40 -11.82
C GLU B 112 -22.93 -11.25 -10.55
N ALA B 113 -22.55 -11.94 -9.48
CA ALA B 113 -23.30 -11.88 -8.23
C ALA B 113 -23.00 -10.65 -7.36
N GLY B 114 -21.75 -10.21 -7.33
CA GLY B 114 -21.38 -9.07 -6.51
C GLY B 114 -21.48 -7.67 -7.08
N LYS B 115 -21.79 -7.54 -8.37
CA LYS B 115 -21.89 -6.22 -9.01
C LYS B 115 -22.93 -5.31 -8.37
N ASP B 116 -24.12 -5.83 -8.09
CA ASP B 116 -25.16 -5.00 -7.49
C ASP B 116 -24.80 -4.46 -6.11
N ASP B 117 -24.32 -5.32 -5.22
CA ASP B 117 -23.93 -4.89 -3.87
C ASP B 117 -22.78 -3.88 -3.92
N TYR B 118 -21.84 -4.13 -4.82
CA TYR B 118 -20.67 -3.26 -4.99
C TYR B 118 -21.13 -1.83 -5.31
N VAL B 119 -21.94 -1.70 -6.36
CA VAL B 119 -22.45 -0.40 -6.81
C VAL B 119 -23.22 0.33 -5.70
N LYS B 120 -24.05 -0.39 -4.94
CA LYS B 120 -24.80 0.22 -3.85
C LYS B 120 -23.83 0.82 -2.83
N ALA B 121 -22.74 0.12 -2.57
CA ALA B 121 -21.73 0.57 -1.61
C ALA B 121 -20.79 1.66 -2.14
N LEU B 122 -20.76 1.84 -3.46
CA LEU B 122 -19.89 2.82 -4.08
C LEU B 122 -19.91 4.25 -3.51
N PRO B 123 -21.11 4.86 -3.37
CA PRO B 123 -21.16 6.22 -2.83
C PRO B 123 -20.35 6.40 -1.53
N GLY B 124 -20.50 5.46 -0.60
CA GLY B 124 -19.77 5.54 0.66
C GLY B 124 -18.26 5.47 0.48
N GLN B 125 -17.83 4.68 -0.51
CA GLN B 125 -16.43 4.50 -0.83
C GLN B 125 -15.82 5.72 -1.51
N LEU B 126 -16.60 6.41 -2.34
CA LEU B 126 -16.12 7.59 -3.06
C LEU B 126 -16.15 8.87 -2.22
N LYS B 127 -17.16 8.95 -1.36
CA LYS B 127 -17.37 10.08 -0.47
C LYS B 127 -16.12 10.66 0.20
N PRO B 128 -15.25 9.81 0.80
CA PRO B 128 -14.04 10.33 1.45
C PRO B 128 -13.17 11.24 0.57
N PHE B 129 -13.09 10.91 -0.72
CA PHE B 129 -12.28 11.69 -1.65
C PHE B 129 -12.95 13.02 -1.97
N GLU B 130 -14.29 13.03 -1.94
CA GLU B 130 -15.05 14.26 -2.16
C GLU B 130 -14.74 15.19 -0.97
N THR B 131 -14.80 14.60 0.24
CA THR B 131 -14.52 15.32 1.48
C THR B 131 -13.11 15.89 1.50
N LEU B 132 -12.11 15.07 1.15
CA LEU B 132 -10.72 15.54 1.12
C LEU B 132 -10.63 16.77 0.23
N LEU B 133 -11.18 16.65 -0.97
CA LEU B 133 -11.19 17.71 -1.96
C LEU B 133 -11.86 19.00 -1.45
N SER B 134 -12.98 18.86 -0.74
CA SER B 134 -13.68 20.02 -0.21
C SER B 134 -12.86 20.79 0.83
N GLN B 135 -11.91 20.11 1.46
CA GLN B 135 -11.06 20.74 2.46
C GLN B 135 -9.78 21.35 1.89
N ASN B 136 -9.56 21.19 0.59
CA ASN B 136 -8.36 21.74 -0.06
C ASN B 136 -8.73 22.77 -1.12
N GLN B 137 -8.68 24.04 -0.75
CA GLN B 137 -9.00 25.15 -1.66
C GLN B 137 -10.31 24.91 -2.41
N GLY B 138 -11.31 24.41 -1.69
CA GLY B 138 -12.61 24.15 -2.27
C GLY B 138 -12.60 23.12 -3.39
N GLY B 139 -11.55 22.31 -3.42
CA GLY B 139 -11.42 21.29 -4.46
C GLY B 139 -11.22 21.88 -5.84
N LYS B 140 -10.64 23.07 -5.92
CA LYS B 140 -10.41 23.73 -7.20
C LYS B 140 -9.05 23.41 -7.81
N THR B 141 -8.16 22.84 -7.01
CA THR B 141 -6.83 22.50 -7.50
C THR B 141 -6.57 20.99 -7.59
N PHE B 142 -5.83 20.42 -6.62
CA PHE B 142 -5.51 19.00 -6.61
C PHE B 142 -5.98 18.30 -5.34
N ILE B 143 -5.71 16.99 -5.21
CA ILE B 143 -6.18 16.26 -4.05
C ILE B 143 -5.47 16.64 -2.75
N VAL B 144 -4.20 17.06 -2.86
CA VAL B 144 -3.41 17.48 -1.70
C VAL B 144 -2.55 18.66 -2.14
N GLY B 145 -2.65 19.76 -1.43
CA GLY B 145 -1.85 20.93 -1.78
C GLY B 145 -2.29 21.58 -3.08
N ASP B 146 -1.42 22.40 -3.66
CA ASP B 146 -1.76 23.08 -4.91
C ASP B 146 -0.97 22.62 -6.13
N GLN B 147 -0.08 21.65 -5.94
CA GLN B 147 0.72 21.10 -7.04
C GLN B 147 0.24 19.65 -7.21
N ILE B 148 0.34 19.11 -8.41
CA ILE B 148 -0.11 17.74 -8.67
C ILE B 148 0.84 16.72 -8.02
N SER B 149 0.34 15.52 -7.74
CA SER B 149 1.16 14.48 -7.11
C SER B 149 0.76 13.13 -7.68
N PHE B 150 1.60 12.11 -7.44
CA PHE B 150 1.32 10.77 -7.95
C PHE B 150 -0.05 10.23 -7.52
N ALA B 151 -0.53 10.70 -6.37
CA ALA B 151 -1.83 10.29 -5.85
C ALA B 151 -2.97 10.77 -6.75
N ASP B 152 -2.78 11.90 -7.43
CA ASP B 152 -3.78 12.45 -8.34
C ASP B 152 -4.00 11.49 -9.51
N TYR B 153 -2.89 11.09 -10.15
CA TYR B 153 -2.97 10.20 -11.29
C TYR B 153 -3.64 8.89 -10.91
N ASN B 154 -3.26 8.35 -9.75
CA ASN B 154 -3.84 7.08 -9.29
C ASN B 154 -5.34 7.26 -8.99
N LEU B 155 -5.71 8.34 -8.31
CA LEU B 155 -7.12 8.60 -7.99
C LEU B 155 -7.90 8.80 -9.29
N LEU B 156 -7.35 9.62 -10.19
CA LEU B 156 -7.99 9.88 -11.47
C LEU B 156 -8.35 8.57 -12.19
N ASP B 157 -7.43 7.61 -12.20
CA ASP B 157 -7.68 6.33 -12.86
C ASP B 157 -8.84 5.60 -12.17
N LEU B 158 -8.79 5.53 -10.85
CA LEU B 158 -9.81 4.86 -10.05
C LEU B 158 -11.20 5.43 -10.41
N LEU B 159 -11.32 6.75 -10.47
CA LEU B 159 -12.56 7.39 -10.80
C LEU B 159 -12.98 7.02 -12.24
N LEU B 160 -12.05 7.13 -13.19
CA LEU B 160 -12.35 6.79 -14.58
C LEU B 160 -12.87 5.38 -14.76
N ILE B 161 -12.18 4.40 -14.17
CA ILE B 161 -12.63 3.01 -14.30
C ILE B 161 -13.98 2.77 -13.64
N HIS B 162 -14.29 3.52 -12.60
CA HIS B 162 -15.57 3.37 -11.93
C HIS B 162 -16.71 3.98 -12.74
N GLU B 163 -16.39 4.96 -13.58
CA GLU B 163 -17.39 5.58 -14.43
C GLU B 163 -17.88 4.56 -15.44
N VAL B 164 -16.98 3.68 -15.88
CA VAL B 164 -17.31 2.61 -16.82
C VAL B 164 -18.12 1.50 -16.11
N LEU B 165 -17.71 1.17 -14.88
CA LEU B 165 -18.39 0.13 -14.09
C LEU B 165 -19.80 0.55 -13.69
N ALA B 166 -19.92 1.75 -13.14
CA ALA B 166 -21.21 2.25 -12.70
C ALA B 166 -21.33 3.68 -13.23
N PRO B 167 -21.71 3.84 -14.50
CA PRO B 167 -21.88 5.15 -15.14
C PRO B 167 -22.76 6.07 -14.30
N GLY B 168 -22.27 7.29 -14.07
CA GLY B 168 -23.04 8.24 -13.28
C GLY B 168 -22.75 8.26 -11.80
N CYS B 169 -21.85 7.41 -11.33
CA CYS B 169 -21.49 7.34 -9.92
C CYS B 169 -20.88 8.65 -9.38
N LEU B 170 -20.41 9.50 -10.29
CA LEU B 170 -19.81 10.78 -9.91
C LEU B 170 -20.78 11.95 -9.95
N ASP B 171 -21.99 11.73 -10.45
CA ASP B 171 -22.99 12.78 -10.54
C ASP B 171 -23.36 13.33 -9.17
N ALA B 172 -23.29 12.47 -8.15
CA ALA B 172 -23.61 12.86 -6.78
C ALA B 172 -22.45 13.57 -6.10
N PHE B 173 -21.31 13.66 -6.80
CA PHE B 173 -20.11 14.27 -6.26
C PHE B 173 -19.55 15.35 -7.17
N PRO B 174 -20.06 16.58 -7.04
CA PRO B 174 -19.66 17.74 -7.84
C PRO B 174 -18.16 18.03 -7.87
N LEU B 175 -17.49 17.91 -6.74
CA LEU B 175 -16.05 18.17 -6.69
C LEU B 175 -15.24 17.11 -7.46
N LEU B 176 -15.56 15.83 -7.25
CA LEU B 176 -14.85 14.75 -7.94
C LEU B 176 -15.03 14.86 -9.45
N SER B 177 -16.26 15.15 -9.88
CA SER B 177 -16.61 15.31 -11.30
C SER B 177 -15.83 16.45 -11.93
N ALA B 178 -15.81 17.59 -11.26
CA ALA B 178 -15.05 18.75 -11.76
C ALA B 178 -13.57 18.38 -11.81
N TYR B 179 -13.12 17.61 -10.83
CA TYR B 179 -11.74 17.15 -10.71
C TYR B 179 -11.33 16.28 -11.90
N VAL B 180 -12.13 15.28 -12.22
CA VAL B 180 -11.87 14.39 -13.35
C VAL B 180 -11.78 15.20 -14.65
N GLY B 181 -12.80 16.03 -14.90
CA GLY B 181 -12.83 16.84 -16.10
C GLY B 181 -11.63 17.77 -16.22
N ARG B 182 -11.31 18.44 -15.12
CA ARG B 182 -10.19 19.39 -15.08
C ARG B 182 -8.86 18.71 -15.44
N LEU B 183 -8.55 17.59 -14.77
CA LEU B 183 -7.29 16.88 -15.01
C LEU B 183 -7.23 16.20 -16.37
N SER B 184 -8.36 15.67 -16.83
CA SER B 184 -8.44 15.02 -18.12
C SER B 184 -8.16 16.03 -19.25
N ALA B 185 -8.38 17.32 -18.95
CA ALA B 185 -8.18 18.39 -19.91
C ALA B 185 -6.73 18.87 -20.03
N ARG B 186 -5.86 18.44 -19.12
CA ARG B 186 -4.45 18.84 -19.18
C ARG B 186 -3.95 18.32 -20.53
N PRO B 187 -3.42 19.21 -21.39
CA PRO B 187 -2.89 18.91 -22.73
C PRO B 187 -2.23 17.55 -22.96
N LYS B 188 -1.08 17.31 -22.34
CA LYS B 188 -0.38 16.03 -22.50
C LYS B 188 -1.22 14.83 -22.10
N LEU B 189 -2.00 14.99 -21.03
CA LEU B 189 -2.86 13.92 -20.52
C LEU B 189 -4.05 13.65 -21.46
N LYS B 190 -4.68 14.72 -21.95
CA LYS B 190 -5.81 14.62 -22.87
C LYS B 190 -5.40 13.86 -24.11
N ALA B 191 -4.27 14.25 -24.70
CA ALA B 191 -3.74 13.61 -25.88
C ALA B 191 -3.45 12.13 -25.61
N PHE B 192 -2.93 11.83 -24.41
CA PHE B 192 -2.62 10.44 -24.05
C PHE B 192 -3.87 9.58 -23.91
N LEU B 193 -4.86 10.09 -23.18
CA LEU B 193 -6.10 9.36 -22.96
C LEU B 193 -6.87 9.10 -24.24
N ALA B 194 -6.65 9.94 -25.25
CA ALA B 194 -7.32 9.79 -26.54
C ALA B 194 -6.54 8.96 -27.56
N SER B 195 -5.28 8.65 -27.25
CA SER B 195 -4.42 7.88 -28.16
C SER B 195 -4.73 6.39 -28.14
N PRO B 196 -4.42 5.69 -29.26
CA PRO B 196 -4.64 4.24 -29.43
C PRO B 196 -3.93 3.43 -28.34
N GLU B 197 -2.82 3.97 -27.86
CA GLU B 197 -1.97 3.39 -26.82
C GLU B 197 -2.73 3.15 -25.51
N TYR B 198 -3.72 3.99 -25.26
CA TYR B 198 -4.56 3.89 -24.07
C TYR B 198 -5.91 3.28 -24.43
N VAL B 199 -6.59 3.90 -25.39
CA VAL B 199 -7.93 3.47 -25.82
C VAL B 199 -8.11 2.01 -26.27
N ASN B 200 -7.13 1.46 -27.00
CA ASN B 200 -7.27 0.10 -27.50
C ASN B 200 -6.78 -1.00 -26.57
N LEU B 201 -6.48 -0.62 -25.32
CA LEU B 201 -6.02 -1.58 -24.33
C LEU B 201 -7.23 -1.86 -23.42
N PRO B 202 -7.45 -3.14 -23.04
CA PRO B 202 -8.59 -3.46 -22.17
C PRO B 202 -8.27 -3.05 -20.73
N ILE B 203 -9.27 -2.57 -20.00
CA ILE B 203 -9.06 -2.14 -18.61
C ILE B 203 -8.44 -3.24 -17.76
N ASN B 204 -9.17 -4.34 -17.63
CA ASN B 204 -8.73 -5.50 -16.85
C ASN B 204 -8.48 -6.56 -17.92
N GLY B 205 -7.95 -7.72 -17.57
CA GLY B 205 -7.73 -8.69 -18.63
C GLY B 205 -8.84 -9.68 -18.95
N ASN B 206 -9.79 -9.86 -18.04
CA ASN B 206 -10.82 -10.88 -18.22
C ASN B 206 -12.01 -10.49 -19.08
N GLY B 207 -11.91 -9.37 -19.79
CA GLY B 207 -13.02 -8.96 -20.64
C GLY B 207 -14.18 -8.33 -19.88
N LYS B 208 -13.99 -8.12 -18.57
CA LYS B 208 -15.01 -7.50 -17.74
C LYS B 208 -14.56 -6.11 -17.32
N GLN B 209 -15.53 -5.20 -17.20
CA GLN B 209 -15.27 -3.82 -16.82
C GLN B 209 -16.58 -3.22 -16.34
N1 GTX C . -5.96 0.20 5.09
CA1 GTX C . -6.26 0.43 6.51
C1 GTX C . -4.94 0.56 7.25
O11 GTX C . -4.87 1.27 8.26
O12 GTX C . -3.96 -0.05 6.76
CB1 GTX C . -7.08 -0.73 7.06
CG1 GTX C . -7.49 -0.61 8.52
CD1 GTX C . -8.59 -1.57 8.87
OE1 GTX C . -8.77 -2.59 8.19
N2 GTX C . -9.33 -1.28 9.92
CA2 GTX C . -10.44 -2.14 10.33
C2 GTX C . -11.52 -1.33 11.03
O2 GTX C . -11.28 -0.20 11.45
CB2 GTX C . -9.97 -3.31 11.21
SG2 GTX C . -9.49 -2.93 12.91
C1S GTX C . -8.57 -4.41 13.33
C2S GTX C . -9.42 -5.56 13.85
C3S GTX C . -10.09 -5.21 15.16
C4S GTX C . -10.68 -6.47 15.79
C5S GTX C . -11.21 -6.22 17.19
C6S GTX C . -12.69 -5.84 17.19
N3 GTX C . -12.71 -1.91 11.11
CA3 GTX C . -13.83 -1.24 11.73
C3 GTX C . -14.89 -0.95 10.68
O31 GTX C . -16.06 -0.81 11.04
O32 GTX C . -14.54 -0.91 9.47
O1 MES D . 1.39 3.60 26.26
C2 MES D . 1.85 4.02 27.56
C3 MES D . 3.36 3.75 27.72
N4 MES D . 4.04 3.55 26.35
C5 MES D . 3.46 4.47 25.23
C6 MES D . 1.93 4.34 25.12
C7 MES D . 5.59 3.61 26.42
C8 MES D . 6.26 2.65 25.42
S MES D . 7.97 2.34 25.84
O1S MES D . 8.91 2.83 24.68
O2S MES D . 8.22 0.80 26.11
O3S MES D . 8.41 3.15 27.23
N1 GTX E . 0.88 -5.70 -5.47
CA1 GTX E . 1.21 -5.87 -6.90
C1 GTX E . 1.28 -4.49 -7.55
O11 GTX E . 2.04 -4.32 -8.51
O12 GTX E . 0.60 -3.58 -7.03
CB1 GTX E . 0.12 -6.70 -7.58
CG1 GTX E . 0.37 -7.02 -9.04
CD1 GTX E . -0.51 -8.15 -9.52
OE1 GTX E . -1.55 -8.43 -8.91
N2 GTX E . -0.10 -8.79 -10.60
CA2 GTX E . -0.87 -9.91 -11.12
C2 GTX E . 0.05 -10.90 -11.83
O2 GTX E . 1.18 -10.56 -12.18
CB2 GTX E . -2.01 -9.46 -12.05
SG2 GTX E . -1.57 -8.87 -13.69
C1S GTX E . -3.09 -7.99 -14.13
C2S GTX E . -4.14 -8.88 -14.77
C3S GTX E . -3.69 -9.43 -16.10
C4S GTX E . -4.86 -10.05 -16.84
C5S GTX E . -4.50 -10.47 -18.26
C6S GTX E . -4.03 -11.91 -18.33
N3 GTX E . -0.45 -12.11 -12.03
CA3 GTX E . 0.33 -13.14 -12.67
C3 GTX E . 0.62 -14.25 -11.68
O31 GTX E . 0.86 -15.39 -12.11
O32 GTX E . 0.57 -13.98 -10.46
O1 MES F . 4.98 3.30 -25.87
C2 MES F . 5.44 3.86 -27.12
C3 MES F . 5.10 5.37 -27.19
N4 MES F . 4.77 5.94 -25.80
C5 MES F . 5.67 5.35 -24.66
C6 MES F . 5.63 3.80 -24.66
C7 MES F . 4.74 7.48 -25.76
C8 MES F . 3.68 8.03 -24.79
S MES F . 3.26 9.74 -25.11
O1S MES F . 3.63 10.64 -23.86
O2S MES F . 1.73 9.91 -25.45
O3S MES F . 4.15 10.33 -26.42
#